data_1FNY
#
_entry.id   1FNY
#
_cell.length_a   64.078
_cell.length_b   75.854
_cell.length_c   118.084
_cell.angle_alpha   90.00
_cell.angle_beta   90.00
_cell.angle_gamma   90.00
#
_symmetry.space_group_name_H-M   'I 2 2 2'
#
loop_
_entity.id
_entity.type
_entity.pdbx_description
1 polymer 'BARK AGGLUTININ I,POLYPEPTIDE A'
2 non-polymer 'CALCIUM ION'
3 water water
#
_entity_poly.entity_id   1
_entity_poly.type   'polypeptide(L)'
_entity_poly.pdbx_seq_one_letter_code
;TGSLSFSFPKFAPNQPYLINQGDALVTSTGVLQLTNVVNGVPSSKSLGRALYAAPFQIWDSTTGNVASFVTSFTFIIQAP
NPATTADGLAFFLAPVDTQPLDLGGMLGIFKDGYFNKSNQIVAVEFDTFSNGDWDPKGRHLGINVNSIESIKTVPWNWTN
GEVANVFISYEASTKSLTASLVYPSLETSFIIDAIVDVKIVLPEWVRFGFSATTGIDKGYVQTNDVLSWSFESNLPG
;
_entity_poly.pdbx_strand_id   A
#
# COMPACT_ATOMS: atom_id res chain seq x y z
N THR A 1 13.27 14.42 -15.41
CA THR A 1 12.13 15.38 -15.27
C THR A 1 10.85 14.83 -15.91
N GLY A 2 9.70 15.25 -15.39
CA GLY A 2 8.42 14.81 -15.93
C GLY A 2 7.28 14.71 -14.91
N SER A 3 6.12 14.22 -15.35
CA SER A 3 4.98 14.06 -14.45
C SER A 3 4.08 12.92 -14.91
N LEU A 4 3.16 12.52 -14.02
CA LEU A 4 2.21 11.45 -14.28
C LEU A 4 1.02 11.63 -13.34
N SER A 5 -0.18 11.44 -13.85
CA SER A 5 -1.38 11.52 -13.02
C SER A 5 -2.44 10.65 -13.66
N PHE A 6 -3.37 10.17 -12.84
CA PHE A 6 -4.46 9.37 -13.33
C PHE A 6 -5.54 9.28 -12.28
N SER A 7 -6.70 8.78 -12.68
CA SER A 7 -7.80 8.63 -11.79
C SER A 7 -8.69 7.49 -12.27
N PHE A 8 -9.02 6.59 -11.35
CA PHE A 8 -9.88 5.45 -11.63
C PHE A 8 -10.97 5.43 -10.56
N PRO A 9 -12.22 5.75 -10.93
CA PRO A 9 -13.35 5.78 -9.99
C PRO A 9 -13.64 4.36 -9.51
N LYS A 10 -13.30 3.41 -10.37
CA LYS A 10 -13.48 1.99 -10.13
C LYS A 10 -12.50 1.32 -11.07
N PHE A 11 -12.33 0.00 -10.97
CA PHE A 11 -11.39 -0.69 -11.83
C PHE A 11 -12.02 -1.58 -12.89
N ALA A 12 -11.64 -1.34 -14.14
CA ALA A 12 -12.15 -2.13 -15.25
C ALA A 12 -11.29 -3.39 -15.32
N PRO A 13 -11.92 -4.57 -15.37
CA PRO A 13 -11.16 -5.83 -15.43
C PRO A 13 -10.63 -6.12 -16.83
N ASN A 14 -9.58 -6.92 -16.91
CA ASN A 14 -8.97 -7.31 -18.17
C ASN A 14 -8.42 -6.14 -18.99
N GLN A 15 -7.92 -5.10 -18.32
CA GLN A 15 -7.33 -3.96 -19.03
C GLN A 15 -5.93 -3.77 -18.46
N PRO A 16 -4.92 -3.75 -19.34
CA PRO A 16 -3.50 -3.59 -19.01
C PRO A 16 -2.96 -2.32 -18.36
N TYR A 17 -3.81 -1.57 -17.65
CA TYR A 17 -3.30 -0.37 -17.00
C TYR A 17 -2.78 -0.79 -15.61
N LEU A 18 -3.05 -2.03 -15.23
CA LEU A 18 -2.58 -2.57 -13.96
C LEU A 18 -1.77 -3.83 -14.23
N ILE A 19 -0.74 -4.03 -13.41
CA ILE A 19 0.08 -5.22 -13.49
C ILE A 19 -0.33 -5.98 -12.23
N ASN A 20 -1.06 -7.07 -12.42
CA ASN A 20 -1.52 -7.90 -11.30
C ASN A 20 -0.47 -8.94 -10.92
N GLN A 21 -0.19 -9.07 -9.63
CA GLN A 21 0.78 -10.05 -9.16
C GLN A 21 0.18 -10.89 -8.04
N GLY A 22 0.65 -12.14 -7.91
CA GLY A 22 0.11 -13.01 -6.88
C GLY A 22 -1.35 -13.33 -7.11
N ASP A 23 -2.15 -13.31 -6.04
CA ASP A 23 -3.58 -13.63 -6.12
C ASP A 23 -4.50 -12.49 -6.55
N ALA A 24 -3.94 -11.30 -6.73
CA ALA A 24 -4.73 -10.14 -7.12
C ALA A 24 -5.57 -10.30 -8.39
N LEU A 25 -6.77 -9.76 -8.36
CA LEU A 25 -7.66 -9.80 -9.51
C LEU A 25 -8.65 -8.65 -9.44
N VAL A 26 -9.29 -8.36 -10.56
CA VAL A 26 -10.28 -7.31 -10.60
C VAL A 26 -11.62 -8.00 -10.85
N THR A 27 -12.58 -7.74 -9.97
CA THR A 27 -13.90 -8.37 -10.06
C THR A 27 -14.72 -7.77 -11.20
N SER A 28 -15.80 -8.45 -11.57
CA SER A 28 -16.64 -7.96 -12.65
C SER A 28 -17.30 -6.65 -12.22
N THR A 29 -17.37 -6.43 -10.91
CA THR A 29 -17.99 -5.22 -10.35
C THR A 29 -17.01 -4.04 -10.26
N GLY A 30 -15.76 -4.26 -10.66
CA GLY A 30 -14.78 -3.20 -10.63
C GLY A 30 -13.97 -3.03 -9.36
N VAL A 31 -13.93 -4.07 -8.53
CA VAL A 31 -13.17 -4.02 -7.28
C VAL A 31 -11.81 -4.70 -7.44
N LEU A 32 -10.77 -4.07 -6.92
CA LEU A 32 -9.45 -4.66 -6.99
C LEU A 32 -9.31 -5.56 -5.76
N GLN A 33 -9.51 -6.85 -5.97
CA GLN A 33 -9.43 -7.84 -4.89
C GLN A 33 -7.99 -8.33 -4.77
N LEU A 34 -7.25 -7.76 -3.83
CA LEU A 34 -5.87 -8.15 -3.65
C LEU A 34 -5.66 -9.58 -3.16
N THR A 35 -6.43 -10.01 -2.16
CA THR A 35 -6.29 -11.38 -1.66
C THR A 35 -7.50 -12.25 -1.94
N ASN A 36 -7.26 -13.56 -2.00
CA ASN A 36 -8.30 -14.55 -2.31
C ASN A 36 -9.50 -14.58 -1.38
N VAL A 37 -10.67 -14.74 -2.00
CA VAL A 37 -11.94 -14.83 -1.28
C VAL A 37 -12.71 -16.00 -1.89
N VAL A 38 -13.14 -16.92 -1.03
CA VAL A 38 -13.89 -18.08 -1.47
C VAL A 38 -15.29 -18.03 -0.91
N ASN A 39 -16.27 -17.77 -1.77
CA ASN A 39 -17.66 -17.68 -1.37
C ASN A 39 -17.86 -16.59 -0.31
N GLY A 40 -17.18 -15.47 -0.51
CA GLY A 40 -17.30 -14.35 0.41
C GLY A 40 -16.31 -14.41 1.56
N VAL A 41 -15.78 -15.58 1.84
CA VAL A 41 -14.84 -15.75 2.94
C VAL A 41 -13.38 -15.64 2.49
N PRO A 42 -12.63 -14.68 3.07
CA PRO A 42 -11.23 -14.51 2.69
C PRO A 42 -10.39 -15.74 3.07
N SER A 43 -9.48 -16.12 2.18
CA SER A 43 -8.61 -17.29 2.39
C SER A 43 -7.32 -16.92 3.10
N SER A 44 -6.72 -17.88 3.79
CA SER A 44 -5.46 -17.63 4.49
C SER A 44 -4.27 -17.82 3.55
N LYS A 45 -3.11 -17.37 4.00
CA LYS A 45 -1.88 -17.49 3.21
C LYS A 45 -2.01 -16.91 1.79
N SER A 46 -2.76 -15.82 1.66
CA SER A 46 -2.93 -15.19 0.36
C SER A 46 -2.05 -13.95 0.24
N LEU A 47 -1.63 -13.65 -0.98
CA LEU A 47 -0.77 -12.50 -1.25
C LEU A 47 -1.09 -11.99 -2.66
N GLY A 48 -1.41 -10.71 -2.77
CA GLY A 48 -1.70 -10.14 -4.06
C GLY A 48 -1.18 -8.71 -4.13
N ARG A 49 -0.74 -8.29 -5.31
CA ARG A 49 -0.23 -6.94 -5.48
C ARG A 49 -0.71 -6.42 -6.83
N ALA A 50 -0.77 -5.09 -6.96
CA ALA A 50 -1.20 -4.47 -8.22
C ALA A 50 -0.36 -3.22 -8.41
N LEU A 51 0.28 -3.11 -9.56
CA LEU A 51 1.13 -1.95 -9.86
C LEU A 51 0.56 -1.21 -11.06
N TYR A 52 0.77 0.10 -11.11
CA TYR A 52 0.29 0.84 -12.28
C TYR A 52 1.20 0.31 -13.38
N ALA A 53 0.68 0.21 -14.61
CA ALA A 53 1.48 -0.32 -15.71
C ALA A 53 2.77 0.45 -15.95
N ALA A 54 2.73 1.76 -15.77
CA ALA A 54 3.92 2.57 -16.01
C ALA A 54 4.58 3.07 -14.74
N PRO A 55 5.91 3.16 -14.74
CA PRO A 55 6.63 3.65 -13.56
C PRO A 55 6.66 5.18 -13.72
N PHE A 56 7.17 5.88 -12.72
CA PHE A 56 7.30 7.32 -12.84
C PHE A 56 8.68 7.64 -12.27
N GLN A 57 9.22 8.78 -12.66
CA GLN A 57 10.55 9.17 -12.19
C GLN A 57 10.37 9.94 -10.89
N ILE A 58 10.92 9.38 -9.80
CA ILE A 58 10.79 10.00 -8.49
C ILE A 58 11.94 10.97 -8.18
N TRP A 59 13.04 10.86 -8.92
CA TRP A 59 14.15 11.79 -8.78
C TRP A 59 15.03 11.71 -10.01
N ASP A 60 15.81 12.75 -10.24
CA ASP A 60 16.68 12.82 -11.42
C ASP A 60 18.12 13.01 -11.02
N SER A 61 18.98 12.13 -11.50
CA SER A 61 20.40 12.18 -11.19
C SER A 61 21.15 13.32 -11.88
N THR A 62 20.61 13.81 -12.99
CA THR A 62 21.25 14.91 -13.70
C THR A 62 21.02 16.25 -13.01
N THR A 63 19.77 16.52 -12.67
CA THR A 63 19.42 17.78 -12.02
C THR A 63 19.48 17.66 -10.50
N GLY A 64 19.32 16.45 -10.00
CA GLY A 64 19.34 16.23 -8.57
C GLY A 64 17.99 16.52 -7.94
N ASN A 65 17.01 16.91 -8.76
CA ASN A 65 15.69 17.23 -8.23
C ASN A 65 14.92 16.01 -7.78
N VAL A 66 13.97 16.22 -6.87
CA VAL A 66 13.15 15.15 -6.34
C VAL A 66 11.69 15.47 -6.60
N ALA A 67 10.93 14.45 -6.94
CA ALA A 67 9.52 14.64 -7.24
C ALA A 67 8.64 14.70 -6.01
N SER A 68 7.51 15.38 -6.14
CA SER A 68 6.54 15.46 -5.07
C SER A 68 5.37 14.72 -5.67
N PHE A 69 4.59 14.03 -4.85
CA PHE A 69 3.45 13.31 -5.37
C PHE A 69 2.36 13.15 -4.33
N VAL A 70 1.19 12.76 -4.80
CA VAL A 70 0.04 12.54 -3.93
C VAL A 70 -0.71 11.37 -4.53
N THR A 71 -1.40 10.62 -3.70
CA THR A 71 -2.19 9.51 -4.18
C THR A 71 -3.33 9.35 -3.19
N SER A 72 -4.48 8.95 -3.71
CA SER A 72 -5.62 8.73 -2.85
C SER A 72 -6.32 7.49 -3.35
N PHE A 73 -6.91 6.76 -2.41
CA PHE A 73 -7.65 5.56 -2.76
C PHE A 73 -8.62 5.22 -1.66
N THR A 74 -9.59 4.38 -1.98
CA THR A 74 -10.57 3.94 -1.00
C THR A 74 -10.42 2.44 -0.93
N PHE A 75 -10.63 1.87 0.25
CA PHE A 75 -10.50 0.43 0.38
C PHE A 75 -11.37 -0.08 1.51
N ILE A 76 -11.60 -1.39 1.48
CA ILE A 76 -12.39 -2.04 2.50
C ILE A 76 -11.67 -3.29 2.96
N ILE A 77 -11.69 -3.53 4.26
CA ILE A 77 -11.12 -4.74 4.83
C ILE A 77 -12.25 -5.30 5.67
N GLN A 78 -12.75 -6.46 5.27
CA GLN A 78 -13.86 -7.14 5.94
C GLN A 78 -13.34 -8.48 6.46
N ALA A 79 -13.70 -8.82 7.69
CA ALA A 79 -13.25 -10.08 8.28
C ALA A 79 -14.40 -10.77 9.02
N PRO A 80 -14.52 -12.11 8.86
CA PRO A 80 -15.59 -12.86 9.53
C PRO A 80 -15.50 -12.71 11.05
N ASN A 81 -14.28 -12.83 11.57
CA ASN A 81 -14.04 -12.69 13.00
C ASN A 81 -13.16 -11.46 13.21
N PRO A 82 -13.77 -10.33 13.59
CA PRO A 82 -13.05 -9.07 13.82
C PRO A 82 -11.99 -9.12 14.91
N ALA A 83 -11.95 -10.21 15.68
CA ALA A 83 -10.97 -10.34 16.75
C ALA A 83 -9.67 -10.91 16.20
N THR A 84 -9.76 -11.60 15.06
CA THR A 84 -8.60 -12.20 14.44
C THR A 84 -8.46 -11.73 12.99
N THR A 85 -7.76 -10.64 12.81
CA THR A 85 -7.53 -10.06 11.48
C THR A 85 -6.04 -10.09 11.17
N ALA A 86 -5.70 -10.31 9.90
CA ALA A 86 -4.31 -10.34 9.44
C ALA A 86 -4.32 -10.39 7.92
N ASP A 87 -3.30 -9.83 7.26
CA ASP A 87 -2.18 -9.17 7.91
C ASP A 87 -2.14 -7.67 7.63
N GLY A 88 -2.61 -7.25 6.46
CA GLY A 88 -2.61 -5.84 6.17
C GLY A 88 -2.58 -5.49 4.70
N LEU A 89 -2.69 -4.20 4.41
CA LEU A 89 -2.69 -3.69 3.05
C LEU A 89 -1.72 -2.52 3.02
N ALA A 90 -0.99 -2.36 1.92
CA ALA A 90 -0.03 -1.27 1.85
C ALA A 90 0.08 -0.66 0.46
N PHE A 91 0.47 0.61 0.44
CA PHE A 91 0.71 1.32 -0.81
C PHE A 91 2.23 1.37 -0.78
N PHE A 92 2.88 1.09 -1.90
CA PHE A 92 4.33 1.12 -1.91
C PHE A 92 4.97 1.56 -3.23
N LEU A 93 6.25 1.93 -3.14
CA LEU A 93 7.06 2.36 -4.27
C LEU A 93 8.26 1.42 -4.25
N ALA A 94 8.69 0.96 -5.42
CA ALA A 94 9.82 0.04 -5.50
C ALA A 94 10.40 0.01 -6.91
N PRO A 95 11.52 -0.71 -7.12
CA PRO A 95 12.12 -0.77 -8.47
C PRO A 95 11.08 -1.22 -9.49
N VAL A 96 11.26 -0.82 -10.74
CA VAL A 96 10.32 -1.15 -11.79
C VAL A 96 10.06 -2.64 -11.99
N ASP A 97 11.07 -3.47 -11.71
CA ASP A 97 10.93 -4.91 -11.87
C ASP A 97 10.50 -5.62 -10.59
N THR A 98 9.99 -4.84 -9.63
CA THR A 98 9.56 -5.38 -8.35
C THR A 98 8.62 -6.59 -8.46
N GLN A 99 8.91 -7.62 -7.67
CA GLN A 99 8.12 -8.85 -7.65
C GLN A 99 7.65 -9.14 -6.22
N PRO A 100 6.54 -9.86 -6.06
CA PRO A 100 6.06 -10.18 -4.72
C PRO A 100 7.09 -10.88 -3.84
N LEU A 101 7.12 -10.51 -2.57
CA LEU A 101 8.05 -11.12 -1.64
C LEU A 101 7.33 -12.04 -0.66
N ASP A 102 7.76 -12.02 0.61
CA ASP A 102 7.19 -12.87 1.63
C ASP A 102 5.72 -12.66 2.02
N LEU A 103 5.10 -13.76 2.43
CA LEU A 103 3.69 -13.76 2.83
C LEU A 103 3.50 -13.25 4.25
N GLY A 104 2.25 -13.29 4.71
CA GLY A 104 1.89 -12.88 6.05
C GLY A 104 2.32 -11.51 6.51
N GLY A 105 2.99 -11.48 7.66
CA GLY A 105 3.46 -10.24 8.24
C GLY A 105 4.40 -9.42 7.38
N MET A 106 4.96 -10.02 6.34
CA MET A 106 5.87 -9.30 5.46
C MET A 106 5.11 -8.50 4.41
N LEU A 107 3.78 -8.66 4.42
CA LEU A 107 2.87 -7.95 3.52
C LEU A 107 3.19 -8.04 2.04
N GLY A 108 3.98 -9.02 1.65
CA GLY A 108 4.32 -9.21 0.25
C GLY A 108 5.30 -8.19 -0.32
N ILE A 109 5.83 -7.32 0.53
CA ILE A 109 6.77 -6.30 0.05
C ILE A 109 8.13 -6.35 0.72
N PHE A 110 8.28 -7.21 1.73
CA PHE A 110 9.55 -7.35 2.44
C PHE A 110 9.93 -8.83 2.55
N LYS A 111 11.21 -9.08 2.75
CA LYS A 111 11.69 -10.45 2.88
C LYS A 111 12.90 -10.52 3.81
N PHE A 115 19.55 -8.13 3.63
CA PHE A 115 19.08 -6.89 3.03
C PHE A 115 19.68 -6.67 1.64
N ASN A 116 18.85 -6.80 0.61
CA ASN A 116 19.31 -6.60 -0.76
C ASN A 116 19.14 -5.13 -1.15
N LYS A 117 20.25 -4.48 -1.44
CA LYS A 117 20.26 -3.07 -1.83
C LYS A 117 19.52 -2.83 -3.14
N SER A 118 19.00 -3.90 -3.74
CA SER A 118 18.27 -3.78 -5.00
C SER A 118 16.77 -3.90 -4.76
N ASN A 119 16.39 -4.24 -3.54
CA ASN A 119 14.98 -4.39 -3.17
C ASN A 119 14.54 -3.22 -2.30
N GLN A 120 15.03 -2.03 -2.64
CA GLN A 120 14.71 -0.81 -1.91
C GLN A 120 13.19 -0.56 -1.99
N ILE A 121 12.58 -0.18 -0.89
CA ILE A 121 11.15 0.05 -0.92
C ILE A 121 10.66 1.02 0.16
N VAL A 122 9.68 1.83 -0.21
CA VAL A 122 9.07 2.79 0.70
C VAL A 122 7.59 2.44 0.67
N ALA A 123 6.97 2.30 1.84
CA ALA A 123 5.56 1.94 1.88
C ALA A 123 4.81 2.55 3.05
N VAL A 124 3.50 2.64 2.86
CA VAL A 124 2.60 3.15 3.89
C VAL A 124 1.73 1.92 4.14
N GLU A 125 1.77 1.41 5.37
CA GLU A 125 1.02 0.20 5.68
C GLU A 125 -0.16 0.40 6.61
N PHE A 126 -1.19 -0.41 6.38
CA PHE A 126 -2.37 -0.43 7.20
C PHE A 126 -2.32 -1.85 7.73
N ASP A 127 -1.67 -1.96 8.89
CA ASP A 127 -1.41 -3.22 9.56
C ASP A 127 -2.53 -3.63 10.52
N THR A 128 -3.19 -4.74 10.18
CA THR A 128 -4.30 -5.24 10.98
C THR A 128 -3.92 -6.30 12.01
N PHE A 129 -2.64 -6.62 12.09
CA PHE A 129 -2.17 -7.61 13.06
C PHE A 129 -0.80 -7.27 13.65
N SER A 130 -0.74 -7.21 14.98
CA SER A 130 0.49 -6.89 15.69
C SER A 130 1.51 -8.02 15.76
N ASN A 131 2.64 -7.86 15.07
CA ASN A 131 3.70 -8.85 15.09
C ASN A 131 4.66 -8.46 16.22
N GLY A 132 4.48 -9.08 17.37
CA GLY A 132 5.31 -8.80 18.53
C GLY A 132 6.81 -8.70 18.28
N ASP A 133 7.28 -9.29 17.19
CA ASP A 133 8.71 -9.26 16.88
C ASP A 133 9.21 -7.96 16.26
N TRP A 134 8.29 -7.12 15.77
CA TRP A 134 8.69 -5.86 15.16
C TRP A 134 7.57 -4.81 15.13
N ASP A 135 6.39 -5.20 15.61
CA ASP A 135 5.22 -4.31 15.65
C ASP A 135 4.95 -3.86 17.08
N PRO A 136 4.46 -2.62 17.26
CA PRO A 136 4.16 -2.09 18.60
C PRO A 136 3.07 -2.92 19.28
N LYS A 137 1.84 -2.42 19.25
CA LYS A 137 0.71 -3.10 19.86
C LYS A 137 -0.60 -2.67 19.21
N GLY A 138 -1.37 -3.65 18.75
CA GLY A 138 -2.64 -3.35 18.11
C GLY A 138 -2.49 -2.91 16.67
N ARG A 139 -3.62 -2.71 15.99
CA ARG A 139 -3.63 -2.29 14.60
C ARG A 139 -3.08 -0.87 14.50
N HIS A 140 -2.41 -0.57 13.40
CA HIS A 140 -1.81 0.75 13.24
C HIS A 140 -1.47 1.12 11.80
N LEU A 141 -1.20 2.40 11.60
CA LEU A 141 -0.78 2.91 10.31
C LEU A 141 0.73 2.91 10.49
N GLY A 142 1.47 2.65 9.42
CA GLY A 142 2.91 2.67 9.53
C GLY A 142 3.57 3.17 8.27
N ILE A 143 4.77 3.73 8.41
CA ILE A 143 5.55 4.18 7.26
C ILE A 143 6.79 3.30 7.36
N ASN A 144 7.10 2.61 6.28
CA ASN A 144 8.22 1.69 6.23
C ASN A 144 9.21 2.03 5.15
N VAL A 145 10.49 1.91 5.49
CA VAL A 145 11.58 2.17 4.57
C VAL A 145 12.56 1.00 4.66
N ASN A 146 12.56 0.17 3.62
CA ASN A 146 13.44 -0.99 3.52
C ASN A 146 13.30 -2.17 4.48
N SER A 147 12.35 -2.08 5.41
CA SER A 147 12.16 -3.18 6.36
C SER A 147 10.74 -3.22 6.89
N ILE A 148 10.35 -4.37 7.43
CA ILE A 148 9.01 -4.56 7.97
C ILE A 148 8.82 -3.78 9.26
N GLU A 149 9.92 -3.35 9.88
CA GLU A 149 9.82 -2.55 11.09
C GLU A 149 9.65 -1.11 10.63
N SER A 150 8.50 -0.52 10.93
CA SER A 150 8.21 0.86 10.53
C SER A 150 9.08 1.89 11.23
N ILE A 151 9.42 2.96 10.52
CA ILE A 151 10.21 4.02 11.11
C ILE A 151 9.31 4.77 12.10
N LYS A 152 8.00 4.61 11.91
CA LYS A 152 7.00 5.24 12.77
C LYS A 152 5.63 4.57 12.60
N THR A 153 4.86 4.51 13.67
CA THR A 153 3.53 3.94 13.63
C THR A 153 2.60 4.78 14.50
N VAL A 154 1.30 4.69 14.21
CA VAL A 154 0.28 5.39 14.99
C VAL A 154 -0.88 4.41 15.11
N PRO A 155 -1.58 4.40 16.25
CA PRO A 155 -2.71 3.49 16.44
C PRO A 155 -3.81 3.73 15.42
N TRP A 156 -4.45 2.65 15.01
CA TRP A 156 -5.51 2.72 14.03
C TRP A 156 -6.71 1.89 14.50
N ASN A 157 -7.88 2.53 14.52
CA ASN A 157 -9.10 1.84 14.91
C ASN A 157 -9.78 1.41 13.64
N TRP A 158 -9.49 0.19 13.21
CA TRP A 158 -10.07 -0.38 12.02
C TRP A 158 -11.52 -0.69 12.23
N THR A 159 -12.33 -0.45 11.21
CA THR A 159 -13.77 -0.73 11.27
C THR A 159 -14.12 -1.74 10.19
N ASN A 160 -14.57 -2.90 10.64
CA ASN A 160 -14.95 -4.01 9.78
C ASN A 160 -15.87 -3.62 8.62
N GLY A 161 -15.46 -3.96 7.40
CA GLY A 161 -16.25 -3.68 6.20
C GLY A 161 -16.59 -2.25 5.82
N GLU A 162 -16.05 -1.29 6.57
CA GLU A 162 -16.30 0.13 6.34
C GLU A 162 -15.39 0.69 5.25
N VAL A 163 -15.91 1.55 4.39
CA VAL A 163 -15.09 2.15 3.34
C VAL A 163 -14.14 3.17 3.96
N ALA A 164 -12.85 2.99 3.69
CA ALA A 164 -11.84 3.91 4.21
C ALA A 164 -11.25 4.72 3.05
N ASN A 165 -11.08 6.01 3.27
CA ASN A 165 -10.49 6.91 2.28
C ASN A 165 -9.06 7.17 2.74
N VAL A 166 -8.11 6.94 1.86
CA VAL A 166 -6.71 7.16 2.19
C VAL A 166 -6.11 8.26 1.34
N PHE A 167 -5.25 9.08 1.93
CA PHE A 167 -4.57 10.13 1.22
C PHE A 167 -3.11 10.09 1.64
N ILE A 168 -2.22 10.06 0.67
CA ILE A 168 -0.79 10.03 0.94
C ILE A 168 -0.15 11.14 0.14
N SER A 169 0.72 11.91 0.77
CA SER A 169 1.39 12.98 0.07
C SER A 169 2.87 12.98 0.41
N TYR A 170 3.69 13.40 -0.54
CA TYR A 170 5.12 13.47 -0.32
C TYR A 170 5.60 14.84 -0.81
N GLU A 171 6.12 15.64 0.11
CA GLU A 171 6.63 16.97 -0.21
C GLU A 171 8.15 16.80 -0.30
N ALA A 172 8.68 16.86 -1.51
CA ALA A 172 10.12 16.69 -1.71
C ALA A 172 10.99 17.70 -0.97
N SER A 173 10.58 18.96 -0.96
CA SER A 173 11.36 20.02 -0.33
C SER A 173 11.66 19.77 1.15
N THR A 174 10.75 19.08 1.84
CA THR A 174 10.93 18.79 3.26
C THR A 174 11.08 17.28 3.49
N LYS A 175 11.11 16.51 2.40
CA LYS A 175 11.24 15.05 2.49
C LYS A 175 10.17 14.52 3.43
N SER A 176 9.00 15.15 3.41
CA SER A 176 7.92 14.78 4.32
C SER A 176 6.83 13.89 3.72
N LEU A 177 6.69 12.67 4.24
CA LEU A 177 5.68 11.73 3.77
C LEU A 177 4.52 11.69 4.77
N THR A 178 3.32 12.02 4.30
CA THR A 178 2.15 12.02 5.18
C THR A 178 1.10 11.02 4.67
N ALA A 179 0.50 10.28 5.60
CA ALA A 179 -0.53 9.30 5.24
C ALA A 179 -1.71 9.45 6.18
N SER A 180 -2.92 9.49 5.63
CA SER A 180 -4.11 9.61 6.45
C SER A 180 -5.18 8.64 6.02
N LEU A 181 -6.00 8.24 6.97
CA LEU A 181 -7.11 7.33 6.69
C LEU A 181 -8.32 7.91 7.41
N VAL A 182 -9.43 7.98 6.68
CA VAL A 182 -10.68 8.49 7.20
C VAL A 182 -11.80 7.55 6.81
N TYR A 183 -12.79 7.41 7.70
CA TYR A 183 -13.97 6.60 7.44
C TYR A 183 -15.04 7.68 7.29
N PRO A 184 -15.35 8.08 6.05
CA PRO A 184 -16.35 9.13 5.77
C PRO A 184 -17.69 8.99 6.48
N SER A 185 -18.21 7.76 6.54
CA SER A 185 -19.51 7.56 7.17
C SER A 185 -19.46 7.68 8.69
N LEU A 186 -18.29 7.40 9.27
CA LEU A 186 -18.11 7.44 10.72
C LEU A 186 -17.44 8.71 11.24
N GLU A 187 -16.88 9.50 10.33
CA GLU A 187 -16.21 10.74 10.68
C GLU A 187 -15.01 10.53 11.61
N THR A 188 -14.40 9.35 11.52
CA THR A 188 -13.21 9.05 12.31
C THR A 188 -12.02 9.26 11.38
N SER A 189 -10.87 9.61 11.95
CA SER A 189 -9.68 9.87 11.14
C SER A 189 -8.36 9.58 11.85
N PHE A 190 -7.36 9.16 11.08
CA PHE A 190 -6.04 8.82 11.62
C PHE A 190 -4.97 9.37 10.70
N ILE A 191 -3.82 9.72 11.25
CA ILE A 191 -2.76 10.27 10.42
C ILE A 191 -1.37 9.97 10.94
N ILE A 192 -0.41 9.89 10.01
CA ILE A 192 0.96 9.63 10.37
C ILE A 192 1.87 10.40 9.43
N ASP A 193 3.03 10.79 9.92
CA ASP A 193 3.99 11.54 9.12
C ASP A 193 5.40 11.15 9.51
N ALA A 194 6.29 11.15 8.53
CA ALA A 194 7.67 10.81 8.77
C ALA A 194 8.55 11.35 7.66
N ILE A 195 9.80 11.63 8.01
CA ILE A 195 10.75 12.11 7.04
C ILE A 195 11.26 10.89 6.28
N VAL A 196 11.20 10.95 4.96
CA VAL A 196 11.67 9.86 4.11
C VAL A 196 12.46 10.50 2.97
N ASP A 197 13.73 10.14 2.86
CA ASP A 197 14.59 10.69 1.81
C ASP A 197 14.56 9.72 0.63
N VAL A 198 13.55 9.87 -0.23
CA VAL A 198 13.39 8.98 -1.38
C VAL A 198 14.60 8.95 -2.32
N LYS A 199 15.30 10.07 -2.43
CA LYS A 199 16.46 10.16 -3.30
C LYS A 199 17.58 9.22 -2.84
N ILE A 200 17.68 8.98 -1.54
CA ILE A 200 18.72 8.08 -1.03
C ILE A 200 18.22 6.67 -0.82
N VAL A 201 16.92 6.45 -1.00
CA VAL A 201 16.33 5.13 -0.79
C VAL A 201 15.97 4.40 -2.09
N LEU A 202 15.24 5.09 -2.96
CA LEU A 202 14.77 4.49 -4.20
C LEU A 202 15.57 4.85 -5.45
N PRO A 203 15.42 4.04 -6.52
CA PRO A 203 16.14 4.36 -7.75
C PRO A 203 15.39 5.51 -8.43
N GLU A 204 15.97 6.05 -9.51
CA GLU A 204 15.34 7.16 -10.22
C GLU A 204 13.90 6.88 -10.65
N TRP A 205 13.69 5.70 -11.24
CA TRP A 205 12.37 5.30 -11.71
C TRP A 205 11.81 4.20 -10.83
N VAL A 206 10.54 4.28 -10.50
CA VAL A 206 9.90 3.28 -9.66
C VAL A 206 8.50 2.93 -10.11
N ARG A 207 8.08 1.70 -9.80
CA ARG A 207 6.72 1.29 -10.09
C ARG A 207 6.07 1.44 -8.73
N PHE A 208 4.74 1.48 -8.71
CA PHE A 208 4.06 1.70 -7.45
C PHE A 208 2.66 1.12 -7.46
N GLY A 209 2.11 0.92 -6.28
CA GLY A 209 0.76 0.36 -6.19
C GLY A 209 0.43 -0.21 -4.83
N PHE A 210 -0.33 -1.31 -4.85
CA PHE A 210 -0.78 -1.96 -3.63
C PHE A 210 -0.30 -3.38 -3.46
N SER A 211 -0.23 -3.80 -2.20
CA SER A 211 0.16 -5.14 -1.85
C SER A 211 -0.63 -5.49 -0.59
N ALA A 212 -1.01 -6.75 -0.47
CA ALA A 212 -1.77 -7.15 0.70
C ALA A 212 -1.66 -8.65 0.91
N THR A 213 -1.76 -9.05 2.17
CA THR A 213 -1.67 -10.44 2.54
C THR A 213 -2.68 -10.76 3.63
N THR A 214 -3.02 -12.03 3.76
CA THR A 214 -3.91 -12.47 4.82
C THR A 214 -3.00 -13.29 5.74
N GLY A 215 -3.50 -13.60 6.94
CA GLY A 215 -2.70 -14.35 7.89
C GLY A 215 -2.30 -15.76 7.46
N ILE A 216 -1.28 -16.29 8.12
CA ILE A 216 -0.79 -17.63 7.83
C ILE A 216 -1.59 -18.69 8.59
N ASP A 217 -1.96 -18.36 9.82
CA ASP A 217 -2.72 -19.28 10.67
C ASP A 217 -4.21 -19.23 10.38
N LYS A 218 -4.90 -20.35 10.59
CA LYS A 218 -6.33 -20.42 10.35
C LYS A 218 -7.08 -19.38 11.16
N GLY A 219 -8.11 -18.78 10.56
CA GLY A 219 -8.90 -17.79 11.25
C GLY A 219 -8.44 -16.36 11.06
N TYR A 220 -7.13 -16.15 10.96
CA TYR A 220 -6.58 -14.82 10.77
C TYR A 220 -6.67 -14.40 9.31
N VAL A 221 -7.90 -14.09 8.88
CA VAL A 221 -8.18 -13.71 7.51
C VAL A 221 -9.01 -12.42 7.40
N GLN A 222 -8.97 -11.81 6.23
CA GLN A 222 -9.68 -10.57 5.96
C GLN A 222 -9.58 -10.32 4.45
N THR A 223 -10.49 -9.51 3.91
CA THR A 223 -10.42 -9.19 2.50
C THR A 223 -9.53 -7.93 2.47
N ASN A 224 -8.97 -7.62 1.30
CA ASN A 224 -8.13 -6.45 1.12
C ASN A 224 -8.52 -5.94 -0.25
N ASP A 225 -9.64 -5.20 -0.30
CA ASP A 225 -10.19 -4.69 -1.55
C ASP A 225 -10.03 -3.19 -1.77
N VAL A 226 -9.44 -2.82 -2.90
CA VAL A 226 -9.28 -1.41 -3.25
C VAL A 226 -10.43 -1.08 -4.21
N LEU A 227 -11.07 0.07 -3.99
CA LEU A 227 -12.23 0.47 -4.78
C LEU A 227 -12.01 1.58 -5.79
N SER A 228 -11.04 2.44 -5.54
CA SER A 228 -10.75 3.56 -6.43
C SER A 228 -9.31 4.00 -6.21
N TRP A 229 -8.76 4.75 -7.16
CA TRP A 229 -7.37 5.17 -7.04
C TRP A 229 -7.02 6.33 -7.96
N SER A 230 -6.40 7.36 -7.40
CA SER A 230 -5.96 8.51 -8.18
C SER A 230 -4.52 8.76 -7.77
N PHE A 231 -3.75 9.34 -8.67
CA PHE A 231 -2.32 9.57 -8.43
C PHE A 231 -1.84 10.79 -9.20
N GLU A 232 -0.86 11.49 -8.65
CA GLU A 232 -0.31 12.66 -9.31
C GLU A 232 1.11 12.92 -8.84
N SER A 233 2.04 13.02 -9.77
CA SER A 233 3.42 13.28 -9.41
C SER A 233 3.98 14.36 -10.33
N ASN A 234 4.98 15.07 -9.83
CA ASN A 234 5.62 16.12 -10.61
C ASN A 234 7.08 16.18 -10.21
N LEU A 235 7.95 16.02 -11.19
CA LEU A 235 9.38 16.09 -10.95
C LEU A 235 9.87 17.36 -11.64
N PRO A 236 10.19 18.39 -10.86
CA PRO A 236 10.67 19.69 -11.35
C PRO A 236 11.90 19.56 -12.25
N GLY A 237 11.97 20.37 -13.30
CA GLY A 237 13.10 20.32 -14.19
C GLY A 237 14.19 21.29 -13.77
#